data_1APA
#
_entry.id   1APA
#
_cell.length_a   47.100
_cell.length_b   116.300
_cell.length_c   49.600
_cell.angle_alpha   90.00
_cell.angle_beta   90.00
_cell.angle_gamma   90.00
#
_symmetry.space_group_name_H-M   'P 21 21 2'
#
loop_
_entity.id
_entity.type
_entity.pdbx_description
1 polymer 'POKEWEED ANTIVIRAL PROTEIN'
2 water water
#
_entity_poly.entity_id   1
_entity_poly.type   'polypeptide(L)'
_entity_poly.pdbx_seq_one_letter_code
;APTLEINTITFDVGNATINKYATFMKSIHNQAKDPTLKCYGIPMLPNTNLTPKYLLVTLQDSSLKTITLMLKRNNLYVMG
YADTYNGKCRYHIFKDISNTTERNDVMTTLCPNPSSRVGKNINYDSSYPALEKKVGRPRSQVQLGIQILNSGIGKIYGVD
SFTEKTEAEFLLVAIQMVSEAARFKYIENQVKTNFNRAFYPNAKVLNLEESWGKISTAIHNAKNGALTSPLELKNANGSK
WIVLRVDDIEPDVGLLKYVNGTCQAT
;
_entity_poly.pdbx_strand_id   A
#
# COMPACT_ATOMS: atom_id res chain seq x y z
N ILE A 6 11.17 -9.02 -11.72
CA ILE A 6 11.85 -8.54 -10.49
C ILE A 6 12.87 -7.48 -10.90
N ASN A 7 12.38 -6.62 -11.78
CA ASN A 7 13.12 -5.48 -12.30
C ASN A 7 12.18 -4.54 -11.48
N THR A 8 12.63 -4.01 -10.34
CA THR A 8 11.73 -3.28 -9.42
C THR A 8 12.03 -1.86 -8.91
N ILE A 9 11.01 -1.26 -8.28
CA ILE A 9 11.09 0.08 -7.70
C ILE A 9 11.66 -0.06 -6.31
N THR A 10 12.84 0.47 -6.08
CA THR A 10 13.49 0.30 -4.80
C THR A 10 13.48 1.52 -3.91
N PHE A 11 13.22 1.29 -2.62
CA PHE A 11 13.25 2.35 -1.62
C PHE A 11 14.28 1.87 -0.62
N ASP A 12 15.30 2.68 -0.43
CA ASP A 12 16.34 2.37 0.51
C ASP A 12 15.87 2.95 1.82
N VAL A 13 15.17 2.17 2.63
CA VAL A 13 14.67 2.64 3.94
C VAL A 13 15.83 2.97 4.86
N GLY A 14 16.91 2.20 4.74
CA GLY A 14 18.10 2.39 5.55
C GLY A 14 18.75 3.75 5.52
N ASN A 15 18.59 4.49 4.43
CA ASN A 15 19.18 5.86 4.29
C ASN A 15 18.14 6.74 3.66
N ALA A 16 16.93 6.62 4.14
CA ALA A 16 15.85 7.37 3.56
C ALA A 16 15.99 8.83 3.88
N THR A 17 15.50 9.66 2.96
CA THR A 17 15.44 11.10 3.13
C THR A 17 14.09 11.35 2.55
N ILE A 18 13.52 12.52 2.84
CA ILE A 18 12.21 12.95 2.35
C ILE A 18 12.20 12.99 0.84
N ASN A 19 13.14 13.69 0.25
CA ASN A 19 13.23 13.77 -1.21
C ASN A 19 13.29 12.31 -1.82
N LYS A 20 13.83 11.36 -1.07
CA LYS A 20 13.98 9.97 -1.48
C LYS A 20 12.63 9.29 -1.44
N TYR A 21 11.93 9.44 -0.32
CA TYR A 21 10.62 8.86 -0.17
C TYR A 21 9.66 9.45 -1.18
N ALA A 22 9.70 10.76 -1.38
CA ALA A 22 8.81 11.41 -2.35
C ALA A 22 8.98 10.91 -3.79
N THR A 23 10.21 10.55 -4.16
CA THR A 23 10.53 9.99 -5.49
C THR A 23 10.08 8.56 -5.55
N PHE A 24 10.14 7.89 -4.42
CA PHE A 24 9.67 6.51 -4.32
C PHE A 24 8.17 6.50 -4.52
N MET A 25 7.45 7.51 -4.04
CA MET A 25 5.99 7.54 -4.22
C MET A 25 5.59 7.92 -5.65
N LYS A 26 6.30 8.87 -6.24
CA LYS A 26 6.06 9.28 -7.62
C LYS A 26 6.35 8.10 -8.57
N SER A 27 7.29 7.22 -8.23
CA SER A 27 7.55 6.06 -9.09
C SER A 27 6.32 5.14 -9.12
N ILE A 28 5.78 4.78 -7.94
CA ILE A 28 4.61 3.90 -7.84
C ILE A 28 3.40 4.58 -8.48
N HIS A 29 3.21 5.86 -8.20
CA HIS A 29 2.12 6.57 -8.78
C HIS A 29 2.19 6.54 -10.32
N ASN A 30 3.40 6.69 -10.89
CA ASN A 30 3.64 6.70 -12.36
C ASN A 30 3.55 5.34 -13.08
N GLN A 31 3.62 4.25 -12.33
CA GLN A 31 3.53 2.89 -12.89
C GLN A 31 2.15 2.32 -12.61
N ALA A 32 1.60 2.67 -11.46
CA ALA A 32 0.27 2.20 -11.12
C ALA A 32 -0.85 2.92 -11.86
N LYS A 33 -0.78 4.23 -12.06
CA LYS A 33 -1.89 4.91 -12.71
C LYS A 33 -2.20 4.54 -14.14
N ASP A 34 -3.46 4.51 -14.49
CA ASP A 34 -3.82 4.25 -15.87
C ASP A 34 -3.16 5.41 -16.64
N PRO A 35 -2.68 5.16 -17.88
CA PRO A 35 -2.03 6.22 -18.66
C PRO A 35 -2.97 7.34 -19.08
N THR A 36 -4.27 7.08 -19.17
CA THR A 36 -5.22 8.09 -19.58
C THR A 36 -6.35 8.46 -18.64
N LEU A 37 -6.83 7.53 -17.82
CA LEU A 37 -7.98 7.80 -16.92
C LEU A 37 -7.68 8.70 -15.72
N LYS A 38 -8.55 9.70 -15.50
CA LYS A 38 -8.44 10.65 -14.38
C LYS A 38 -9.83 11.14 -14.15
N CYS A 39 -10.07 11.81 -13.04
CA CYS A 39 -11.39 12.41 -12.73
C CYS A 39 -11.03 13.62 -11.90
N TYR A 40 -11.38 14.80 -12.44
CA TYR A 40 -11.08 16.10 -11.83
C TYR A 40 -9.58 16.32 -11.65
N GLY A 41 -8.80 15.80 -12.60
CA GLY A 41 -7.36 15.95 -12.52
C GLY A 41 -6.66 14.88 -11.70
N ILE A 42 -7.42 14.11 -10.93
CA ILE A 42 -6.84 13.04 -10.09
C ILE A 42 -6.73 11.78 -10.95
N PRO A 43 -5.55 11.14 -11.01
CA PRO A 43 -5.38 9.93 -11.81
C PRO A 43 -6.15 8.79 -11.23
N MET A 44 -6.53 7.85 -12.07
CA MET A 44 -7.26 6.71 -11.59
C MET A 44 -6.51 5.41 -11.93
N LEU A 45 -6.70 4.40 -11.09
CA LEU A 45 -6.10 3.10 -11.31
C LEU A 45 -6.79 2.42 -12.48
N PRO A 46 -6.08 1.59 -13.24
CA PRO A 46 -6.65 0.89 -14.39
C PRO A 46 -7.50 -0.35 -14.11
N ASN A 47 -8.17 -0.83 -15.15
CA ASN A 47 -8.92 -2.08 -15.02
C ASN A 47 -7.86 -3.18 -14.84
N THR A 48 -8.32 -4.39 -14.52
CA THR A 48 -7.46 -5.55 -14.29
C THR A 48 -6.74 -6.09 -15.56
N ASN A 49 -7.27 -5.79 -16.75
CA ASN A 49 -6.65 -6.29 -17.98
C ASN A 49 -5.45 -5.46 -18.42
N LEU A 50 -5.13 -4.36 -17.76
CA LEU A 50 -4.03 -3.56 -18.25
C LEU A 50 -2.74 -4.08 -17.69
N THR A 51 -1.90 -4.63 -18.54
CA THR A 51 -0.63 -5.15 -18.06
C THR A 51 0.37 -4.02 -18.14
N PRO A 52 1.39 -3.96 -17.25
CA PRO A 52 1.80 -4.79 -16.12
C PRO A 52 0.62 -4.94 -15.18
N LYS A 53 0.34 -6.17 -14.73
CA LYS A 53 -0.79 -6.41 -13.84
C LYS A 53 -0.37 -6.17 -12.44
N TYR A 54 0.93 -6.28 -12.19
CA TYR A 54 1.42 -6.11 -10.83
C TYR A 54 2.63 -5.23 -10.79
N LEU A 55 2.96 -4.77 -9.58
CA LEU A 55 4.10 -3.89 -9.32
C LEU A 55 4.99 -4.52 -8.26
N LEU A 56 6.31 -4.39 -8.40
CA LEU A 56 7.21 -4.95 -7.39
C LEU A 56 7.92 -3.80 -6.72
N VAL A 57 7.89 -3.77 -5.41
CA VAL A 57 8.49 -2.71 -4.65
C VAL A 57 9.52 -3.35 -3.74
N THR A 58 10.78 -2.96 -3.83
CA THR A 58 11.81 -3.55 -2.99
C THR A 58 12.18 -2.62 -1.84
N LEU A 59 12.13 -3.09 -0.61
CA LEU A 59 12.47 -2.28 0.52
C LEU A 59 13.80 -2.81 1.01
N GLN A 60 14.78 -1.94 1.10
CA GLN A 60 16.12 -2.36 1.46
C GLN A 60 16.53 -1.70 2.72
N ASP A 61 17.16 -2.44 3.62
CA ASP A 61 17.54 -1.83 4.90
C ASP A 61 18.99 -1.33 4.98
N SER A 62 19.37 -0.87 6.17
CA SER A 62 20.74 -0.40 6.39
C SER A 62 21.86 -1.43 6.25
N SER A 63 21.53 -2.72 6.15
CA SER A 63 22.53 -3.77 5.96
C SER A 63 22.30 -4.36 4.59
N LEU A 64 21.72 -3.57 3.70
CA LEU A 64 21.43 -4.03 2.36
C LEU A 64 20.52 -5.27 2.26
N LYS A 65 19.93 -5.68 3.37
CA LYS A 65 18.98 -6.80 3.33
C LYS A 65 17.78 -6.31 2.49
N THR A 66 17.09 -7.22 1.84
CA THR A 66 16.03 -6.79 0.93
C THR A 66 14.71 -7.59 1.03
N ILE A 67 13.58 -6.92 0.82
CA ILE A 67 12.28 -7.58 0.84
C ILE A 67 11.47 -6.92 -0.22
N THR A 68 11.01 -7.70 -1.18
CA THR A 68 10.22 -7.22 -2.30
C THR A 68 8.75 -7.58 -2.06
N LEU A 69 7.84 -6.60 -2.22
CA LEU A 69 6.41 -6.80 -2.06
C LEU A 69 5.80 -6.81 -3.45
N MET A 70 4.78 -7.63 -3.68
CA MET A 70 4.14 -7.68 -4.97
C MET A 70 2.75 -7.16 -4.75
N LEU A 71 2.35 -6.20 -5.57
CA LEU A 71 1.05 -5.56 -5.42
C LEU A 71 0.22 -5.68 -6.68
N LYS A 72 -1.09 -5.82 -6.54
CA LYS A 72 -1.94 -5.90 -7.71
C LYS A 72 -1.96 -4.44 -8.14
N ARG A 73 -1.79 -4.15 -9.42
CA ARG A 73 -1.75 -2.74 -9.85
C ARG A 73 -3.15 -2.12 -9.81
N ASN A 74 -4.13 -2.89 -10.22
CA ASN A 74 -5.49 -2.45 -10.27
C ASN A 74 -6.05 -1.88 -8.98
N ASN A 75 -5.44 -2.23 -7.86
CA ASN A 75 -5.96 -1.75 -6.58
C ASN A 75 -4.94 -1.46 -5.50
N LEU A 76 -3.69 -1.83 -5.73
CA LEU A 76 -2.59 -1.59 -4.76
C LEU A 76 -2.51 -2.49 -3.53
N TYR A 77 -3.34 -3.52 -3.50
CA TYR A 77 -3.31 -4.45 -2.40
C TYR A 77 -2.09 -5.38 -2.55
N VAL A 78 -1.36 -5.60 -1.46
CA VAL A 78 -0.18 -6.49 -1.46
C VAL A 78 -0.60 -7.98 -1.57
N MET A 79 0.02 -8.73 -2.48
CA MET A 79 -0.28 -10.15 -2.71
C MET A 79 0.63 -11.12 -1.94
N GLY A 80 1.85 -10.70 -1.61
CA GLY A 80 2.76 -11.56 -0.89
C GLY A 80 4.09 -10.87 -0.97
N TYR A 81 5.12 -11.39 -0.34
CA TYR A 81 6.41 -10.75 -0.44
C TYR A 81 7.46 -11.82 -0.60
N ALA A 82 8.72 -11.42 -0.76
CA ALA A 82 9.77 -12.40 -0.92
C ALA A 82 11.00 -11.93 -0.22
N ASP A 83 11.78 -12.87 0.27
CA ASP A 83 13.06 -12.52 0.87
C ASP A 83 14.01 -13.62 0.40
N THR A 84 15.18 -13.74 1.04
CA THR A 84 16.18 -14.73 0.67
C THR A 84 16.41 -15.64 1.87
N TYR A 85 16.17 -16.94 1.73
CA TYR A 85 16.38 -17.88 2.83
C TYR A 85 17.45 -18.89 2.50
N ASN A 86 18.58 -18.76 3.17
CA ASN A 86 19.74 -19.60 2.98
C ASN A 86 20.29 -19.06 1.67
N GLY A 87 20.11 -19.76 0.58
CA GLY A 87 20.62 -19.20 -0.65
C GLY A 87 19.52 -19.29 -1.66
N LYS A 88 18.28 -19.19 -1.19
CA LYS A 88 17.15 -19.30 -2.08
C LYS A 88 16.01 -18.29 -1.87
N CYS A 89 15.30 -18.00 -2.94
CA CYS A 89 14.19 -17.07 -2.93
C CYS A 89 13.04 -17.67 -2.18
N ARG A 90 12.65 -17.06 -1.07
CA ARG A 90 11.51 -17.53 -0.30
C ARG A 90 10.30 -16.59 -0.50
N TYR A 91 9.26 -17.08 -1.16
CA TYR A 91 8.06 -16.32 -1.41
C TYR A 91 7.06 -16.62 -0.30
N HIS A 92 6.35 -15.60 0.16
CA HIS A 92 5.36 -15.75 1.22
C HIS A 92 4.10 -15.12 0.68
N ILE A 93 3.05 -15.93 0.45
CA ILE A 93 1.77 -15.42 -0.08
C ILE A 93 0.67 -15.39 1.01
N PHE A 94 -0.32 -14.51 0.84
CA PHE A 94 -1.36 -14.36 1.87
C PHE A 94 -2.39 -15.44 1.76
N LYS A 95 -3.00 -15.82 2.86
CA LYS A 95 -4.04 -16.86 2.77
C LYS A 95 -5.22 -16.50 1.84
N ASP A 96 -5.54 -15.21 1.68
CA ASP A 96 -6.70 -14.83 0.84
C ASP A 96 -6.45 -14.71 -0.65
N ILE A 97 -5.20 -14.93 -1.04
CA ILE A 97 -4.85 -14.86 -2.43
C ILE A 97 -5.24 -16.21 -2.90
N SER A 98 -6.43 -16.36 -3.49
CA SER A 98 -6.76 -17.70 -3.95
C SER A 98 -7.06 -18.14 -5.37
N ASN A 99 -7.30 -17.24 -6.32
CA ASN A 99 -7.51 -17.68 -7.70
C ASN A 99 -6.26 -18.55 -7.89
N THR A 100 -6.36 -19.69 -8.57
CA THR A 100 -5.14 -20.51 -8.68
C THR A 100 -4.21 -19.90 -9.67
N THR A 101 -4.70 -19.01 -10.53
CA THR A 101 -3.82 -18.35 -11.49
C THR A 101 -3.08 -17.14 -10.88
N GLU A 102 -3.54 -16.69 -9.71
CA GLU A 102 -2.90 -15.56 -9.05
C GLU A 102 -1.78 -16.01 -8.18
N ARG A 103 -2.01 -17.04 -7.35
CA ARG A 103 -0.88 -17.43 -6.50
C ARG A 103 0.30 -18.01 -7.22
N ASN A 104 0.10 -18.49 -8.43
CA ASN A 104 1.24 -18.99 -9.18
C ASN A 104 1.96 -17.83 -9.85
N ASP A 105 1.18 -16.87 -10.36
CA ASP A 105 1.77 -15.66 -10.96
C ASP A 105 2.55 -15.01 -9.87
N VAL A 106 2.00 -14.98 -8.66
CA VAL A 106 2.64 -14.39 -7.48
C VAL A 106 3.93 -15.12 -7.11
N MET A 107 3.90 -16.46 -7.15
CA MET A 107 5.04 -17.31 -6.79
C MET A 107 6.19 -17.27 -7.81
N THR A 108 5.85 -17.33 -9.10
CA THR A 108 6.84 -17.30 -10.14
C THR A 108 7.35 -15.92 -10.53
N THR A 109 6.58 -14.86 -10.22
CA THR A 109 7.04 -13.48 -10.46
C THR A 109 8.03 -13.11 -9.35
N LEU A 110 7.65 -13.45 -8.14
CA LEU A 110 8.48 -13.18 -6.98
C LEU A 110 9.80 -13.94 -6.99
N CYS A 111 9.73 -15.23 -7.27
CA CYS A 111 10.89 -16.14 -7.33
C CYS A 111 10.76 -16.88 -8.63
N PRO A 112 11.29 -16.33 -9.72
CA PRO A 112 11.20 -16.97 -11.02
C PRO A 112 12.05 -18.18 -11.36
N ASN A 113 12.81 -18.75 -10.44
CA ASN A 113 13.60 -19.91 -10.82
C ASN A 113 13.21 -21.07 -9.95
N PRO A 114 12.59 -22.10 -10.54
CA PRO A 114 12.20 -23.24 -9.71
C PRO A 114 13.42 -23.79 -8.99
N SER A 115 13.19 -24.74 -8.10
CA SER A 115 14.31 -25.29 -7.32
C SER A 115 15.45 -24.29 -7.12
N SER A 116 15.06 -23.21 -6.46
CA SER A 116 15.89 -22.10 -6.01
C SER A 116 14.91 -21.14 -5.38
N ARG A 117 13.94 -21.71 -4.70
CA ARG A 117 12.91 -20.95 -4.04
C ARG A 117 12.24 -21.88 -3.07
N VAL A 118 11.77 -21.37 -1.94
CA VAL A 118 11.06 -22.16 -0.95
C VAL A 118 9.81 -21.32 -0.72
N GLY A 119 8.66 -21.92 -0.47
CA GLY A 119 7.47 -21.16 -0.19
C GLY A 119 7.24 -21.13 1.32
N LYS A 120 6.85 -20.00 1.90
CA LYS A 120 6.55 -19.97 3.32
C LYS A 120 5.27 -19.18 3.36
N ASN A 121 4.18 -19.85 2.99
CA ASN A 121 2.86 -19.25 2.97
C ASN A 121 2.57 -18.43 4.23
N ILE A 122 1.74 -17.40 4.12
CA ILE A 122 1.37 -16.55 5.28
C ILE A 122 -0.01 -17.08 5.65
N ASN A 123 -0.15 -17.71 6.80
CA ASN A 123 -1.46 -18.28 7.17
C ASN A 123 -2.63 -17.42 7.56
N TYR A 124 -2.65 -16.17 7.09
CA TYR A 124 -3.75 -15.30 7.42
C TYR A 124 -4.10 -14.39 6.28
N ASP A 125 -5.27 -13.75 6.38
CA ASP A 125 -5.75 -12.87 5.35
C ASP A 125 -4.92 -11.59 5.34
N SER A 126 -4.88 -10.98 4.18
CA SER A 126 -4.15 -9.74 3.97
C SER A 126 -5.13 -8.61 4.22
N SER A 127 -5.74 -8.49 5.40
CA SER A 127 -6.67 -7.40 5.61
C SER A 127 -6.62 -6.91 7.03
N TYR A 128 -6.75 -5.61 7.21
CA TYR A 128 -6.63 -5.02 8.52
C TYR A 128 -7.11 -5.83 9.71
N PRO A 129 -8.36 -6.34 9.68
CA PRO A 129 -8.80 -7.12 10.85
C PRO A 129 -7.88 -8.34 11.11
N ALA A 130 -7.56 -9.09 10.05
CA ALA A 130 -6.70 -10.26 10.16
C ALA A 130 -5.35 -9.95 10.80
N LEU A 131 -4.77 -8.85 10.37
CA LEU A 131 -3.46 -8.43 10.81
C LEU A 131 -3.52 -7.82 12.19
N GLU A 132 -4.57 -7.07 12.49
CA GLU A 132 -4.71 -6.45 13.83
C GLU A 132 -4.84 -7.59 14.84
N LYS A 133 -5.62 -8.61 14.46
CA LYS A 133 -5.86 -9.80 15.26
C LYS A 133 -4.53 -10.43 15.65
N LYS A 134 -3.69 -10.66 14.63
CA LYS A 134 -2.38 -11.26 14.77
C LYS A 134 -1.48 -10.48 15.70
N VAL A 135 -1.37 -9.18 15.51
CA VAL A 135 -0.53 -8.43 16.44
C VAL A 135 -1.32 -8.16 17.75
N GLY A 136 -2.65 -8.37 17.70
CA GLY A 136 -3.50 -8.16 18.85
C GLY A 136 -3.39 -6.71 19.29
N ARG A 137 -4.06 -5.79 18.59
CA ARG A 137 -4.00 -4.34 18.88
C ARG A 137 -4.52 -3.72 17.60
N PRO A 138 -5.43 -2.72 17.70
CA PRO A 138 -5.94 -2.08 16.48
C PRO A 138 -4.79 -1.29 15.87
N ARG A 139 -4.81 -1.09 14.56
CA ARG A 139 -3.71 -0.42 13.86
C ARG A 139 -3.48 1.01 14.35
N SER A 140 -4.45 1.55 15.09
CA SER A 140 -4.33 2.90 15.65
C SER A 140 -3.26 2.92 16.73
N GLN A 141 -3.02 1.73 17.30
CA GLN A 141 -2.04 1.61 18.39
C GLN A 141 -0.69 1.08 17.92
N VAL A 142 -0.58 0.75 16.63
CA VAL A 142 0.68 0.26 16.11
C VAL A 142 1.29 1.41 15.31
N GLN A 143 2.38 1.91 15.83
CA GLN A 143 3.10 3.03 15.26
C GLN A 143 3.63 2.77 13.87
N LEU A 144 3.90 3.88 13.17
CA LEU A 144 4.45 3.86 11.83
C LEU A 144 5.76 4.66 11.90
N GLY A 145 6.63 4.53 10.92
CA GLY A 145 7.86 5.29 10.98
C GLY A 145 8.93 4.71 10.09
N ILE A 146 9.86 5.55 9.66
CA ILE A 146 10.95 5.11 8.76
C ILE A 146 11.93 4.14 9.42
N GLN A 147 12.19 4.30 10.72
CA GLN A 147 13.10 3.39 11.41
C GLN A 147 12.34 2.13 11.86
N ILE A 148 11.01 2.23 11.95
CA ILE A 148 10.18 1.10 12.34
C ILE A 148 10.19 0.11 11.17
N LEU A 149 9.89 0.61 9.99
CA LEU A 149 9.88 -0.21 8.77
C LEU A 149 11.26 -0.84 8.53
N ASN A 150 12.33 -0.08 8.72
CA ASN A 150 13.69 -0.57 8.51
C ASN A 150 13.94 -1.77 9.42
N SER A 151 13.67 -1.67 10.71
CA SER A 151 13.84 -2.81 11.65
C SER A 151 12.97 -4.00 11.28
N GLY A 152 11.72 -3.76 10.89
CA GLY A 152 10.83 -4.84 10.56
C GLY A 152 11.51 -5.78 9.60
N ILE A 153 12.14 -5.23 8.58
CA ILE A 153 12.83 -6.02 7.58
C ILE A 153 13.81 -7.01 8.21
N GLY A 154 14.51 -6.60 9.24
CA GLY A 154 15.48 -7.46 9.87
C GLY A 154 14.86 -8.57 10.70
N LYS A 155 13.61 -8.44 11.09
CA LYS A 155 13.03 -9.49 11.90
C LYS A 155 12.61 -10.63 11.02
N ILE A 156 12.63 -10.37 9.72
CA ILE A 156 12.13 -11.33 8.76
C ILE A 156 13.11 -12.01 7.83
N TYR A 157 13.90 -11.21 7.14
CA TYR A 157 14.85 -11.68 6.16
C TYR A 157 15.84 -12.71 6.68
N GLY A 158 15.79 -13.87 6.06
CA GLY A 158 16.68 -14.96 6.42
C GLY A 158 16.53 -15.69 7.73
N VAL A 159 15.40 -15.53 8.41
CA VAL A 159 15.15 -16.22 9.67
C VAL A 159 14.00 -17.19 9.43
N ASP A 160 14.12 -18.45 9.90
CA ASP A 160 13.05 -19.43 9.67
C ASP A 160 11.83 -19.39 10.51
N SER A 161 11.92 -18.83 11.71
CA SER A 161 10.70 -18.76 12.50
C SER A 161 10.66 -17.35 13.08
N PHE A 162 9.63 -16.56 12.75
CA PHE A 162 9.68 -15.20 13.27
C PHE A 162 8.60 -14.84 14.23
N THR A 163 7.40 -15.36 14.00
CA THR A 163 6.17 -15.10 14.80
C THR A 163 5.17 -14.45 13.85
N GLU A 164 3.90 -14.81 13.93
CA GLU A 164 2.96 -14.21 13.01
C GLU A 164 2.69 -12.81 13.43
N LYS A 165 3.13 -12.48 14.63
CA LYS A 165 2.93 -11.17 15.19
C LYS A 165 4.04 -10.24 14.78
N THR A 166 5.23 -10.77 14.61
CA THR A 166 6.32 -9.94 14.15
C THR A 166 6.11 -9.61 12.66
N GLU A 167 5.59 -10.57 11.94
CA GLU A 167 5.32 -10.42 10.52
C GLU A 167 4.07 -9.56 10.19
N ALA A 168 2.93 -9.82 10.81
CA ALA A 168 1.72 -9.03 10.57
C ALA A 168 2.01 -7.58 10.88
N GLU A 169 2.76 -7.39 11.96
CA GLU A 169 3.13 -6.07 12.39
C GLU A 169 3.93 -5.30 11.32
N PHE A 170 4.95 -5.96 10.74
CA PHE A 170 5.77 -5.38 9.69
C PHE A 170 4.83 -5.09 8.52
N LEU A 171 3.97 -6.02 8.16
CA LEU A 171 3.07 -5.79 7.04
C LEU A 171 2.12 -4.58 7.21
N LEU A 172 1.54 -4.41 8.41
CA LEU A 172 0.62 -3.32 8.72
C LEU A 172 1.31 -2.01 8.51
N VAL A 173 2.60 -1.96 8.87
CA VAL A 173 3.44 -0.77 8.70
C VAL A 173 3.75 -0.53 7.20
N ALA A 174 4.25 -1.56 6.51
CA ALA A 174 4.58 -1.45 5.10
C ALA A 174 3.37 -1.17 4.22
N ILE A 175 2.21 -1.74 4.54
CA ILE A 175 1.05 -1.48 3.71
C ILE A 175 0.60 0.00 3.79
N GLN A 176 0.66 0.60 4.96
CA GLN A 176 0.24 1.99 5.07
C GLN A 176 1.29 3.00 4.54
N MET A 177 2.55 2.69 4.77
CA MET A 177 3.60 3.54 4.31
C MET A 177 3.89 3.31 2.83
N VAL A 178 3.17 2.39 2.20
CA VAL A 178 3.33 2.12 0.78
C VAL A 178 2.00 2.19 -0.05
N SER A 179 1.05 1.31 0.21
CA SER A 179 -0.21 1.33 -0.50
C SER A 179 -1.11 2.45 -0.13
N GLU A 180 -1.30 2.68 1.16
CA GLU A 180 -2.18 3.76 1.62
C GLU A 180 -1.62 5.13 1.30
N ALA A 181 -0.31 5.29 1.47
CA ALA A 181 0.42 6.54 1.16
C ALA A 181 0.36 6.85 -0.33
N ALA A 182 0.38 5.82 -1.19
CA ALA A 182 0.33 6.09 -2.61
C ALA A 182 -1.08 6.44 -3.02
N ARG A 183 -2.06 5.86 -2.36
CA ARG A 183 -3.43 6.15 -2.67
C ARG A 183 -3.85 7.51 -2.13
N PHE A 184 -3.25 7.92 -1.03
CA PHE A 184 -3.59 9.18 -0.43
C PHE A 184 -2.40 10.08 -0.21
N LYS A 185 -2.42 11.23 -0.84
CA LYS A 185 -1.37 12.23 -0.68
C LYS A 185 -1.31 12.61 0.81
N TYR A 186 -2.45 12.58 1.50
CA TYR A 186 -2.53 12.93 2.91
C TYR A 186 -1.71 12.03 3.80
N ILE A 187 -1.75 10.74 3.53
CA ILE A 187 -0.96 9.81 4.33
C ILE A 187 0.53 10.00 4.00
N GLU A 188 0.87 10.16 2.72
CA GLU A 188 2.27 10.37 2.35
C GLU A 188 2.80 11.58 3.09
N ASN A 189 2.03 12.65 3.12
CA ASN A 189 2.42 13.91 3.81
C ASN A 189 2.54 13.72 5.31
N GLN A 190 1.76 12.80 5.86
CA GLN A 190 1.87 12.49 7.26
C GLN A 190 3.21 11.79 7.49
N VAL A 191 3.56 10.84 6.62
CA VAL A 191 4.83 10.19 6.79
C VAL A 191 5.94 11.25 6.70
N LYS A 192 5.96 12.01 5.61
CA LYS A 192 6.97 13.03 5.40
C LYS A 192 7.03 14.03 6.54
N THR A 193 5.89 14.38 7.09
CA THR A 193 5.80 15.31 8.18
C THR A 193 6.45 14.75 9.43
N ASN A 194 6.29 13.44 9.65
CA ASN A 194 6.88 12.80 10.83
C ASN A 194 8.02 11.88 10.42
N PHE A 195 8.78 12.28 9.40
CA PHE A 195 9.87 11.44 8.88
C PHE A 195 10.89 11.05 9.88
N ASN A 196 11.27 11.99 10.72
CA ASN A 196 12.30 11.71 11.70
C ASN A 196 11.76 11.14 12.98
N ARG A 197 10.55 10.58 12.93
CA ARG A 197 9.93 9.99 14.11
C ARG A 197 8.86 8.92 13.88
N ALA A 198 8.64 8.08 14.89
CA ALA A 198 7.60 7.03 14.86
C ALA A 198 6.31 7.77 15.23
N PHE A 199 5.18 7.41 14.64
CA PHE A 199 3.93 8.10 14.94
C PHE A 199 2.75 7.16 14.81
N TYR A 200 1.62 7.58 15.31
CA TYR A 200 0.42 6.77 15.23
C TYR A 200 -0.48 7.33 14.15
N PRO A 201 -1.16 6.47 13.39
CA PRO A 201 -2.02 7.03 12.37
C PRO A 201 -3.10 7.82 13.08
N ASN A 202 -3.34 9.06 12.63
CA ASN A 202 -4.37 9.90 13.26
C ASN A 202 -5.76 9.54 12.75
N ALA A 203 -6.81 10.06 13.37
CA ALA A 203 -8.18 9.73 13.00
C ALA A 203 -8.51 9.83 11.54
N LYS A 204 -7.83 10.72 10.83
CA LYS A 204 -8.13 10.88 9.41
C LYS A 204 -7.35 9.91 8.56
N VAL A 205 -6.13 9.54 8.93
CA VAL A 205 -5.47 8.55 8.07
C VAL A 205 -6.26 7.25 8.10
N LEU A 206 -6.81 6.91 9.26
CA LEU A 206 -7.61 5.71 9.44
C LEU A 206 -8.90 5.77 8.65
N ASN A 207 -9.59 6.91 8.71
CA ASN A 207 -10.85 7.08 7.97
C ASN A 207 -10.64 7.08 6.49
N LEU A 208 -9.55 7.66 6.03
CA LEU A 208 -9.30 7.67 4.58
C LEU A 208 -9.04 6.22 4.09
N GLU A 209 -8.13 5.50 4.76
CA GLU A 209 -7.83 4.14 4.37
C GLU A 209 -9.12 3.34 4.30
N GLU A 210 -9.98 3.58 5.28
CA GLU A 210 -11.23 2.86 5.34
C GLU A 210 -12.28 3.35 4.39
N SER A 211 -12.13 4.59 3.90
CA SER A 211 -13.09 5.22 2.98
C SER A 211 -12.70 5.30 1.51
N TRP A 212 -11.62 4.60 1.11
CA TRP A 212 -11.14 4.67 -0.26
C TRP A 212 -12.11 4.38 -1.38
N GLY A 213 -12.96 3.38 -1.23
CA GLY A 213 -13.87 3.05 -2.30
C GLY A 213 -14.98 4.06 -2.41
N LYS A 214 -15.52 4.50 -1.28
CA LYS A 214 -16.61 5.45 -1.34
C LYS A 214 -16.17 6.86 -1.85
N ILE A 215 -14.99 7.29 -1.46
CA ILE A 215 -14.42 8.57 -1.89
C ILE A 215 -14.22 8.51 -3.41
N SER A 216 -13.77 7.37 -3.91
CA SER A 216 -13.54 7.21 -5.34
C SER A 216 -14.79 7.22 -6.20
N THR A 217 -15.88 6.65 -5.69
CA THR A 217 -17.16 6.59 -6.41
C THR A 217 -17.74 8.04 -6.43
N ALA A 218 -17.76 8.67 -5.27
CA ALA A 218 -18.19 10.07 -5.09
C ALA A 218 -17.55 11.00 -6.11
N ILE A 219 -16.23 10.99 -6.17
CA ILE A 219 -15.47 11.82 -7.09
C ILE A 219 -15.67 11.44 -8.57
N HIS A 220 -15.98 10.19 -8.82
CA HIS A 220 -16.23 9.74 -10.19
C HIS A 220 -17.59 10.24 -10.64
N ASN A 221 -18.54 10.23 -9.71
CA ASN A 221 -19.90 10.64 -9.99
C ASN A 221 -20.19 12.12 -9.88
N ALA A 222 -19.30 12.91 -9.29
CA ALA A 222 -19.50 14.36 -9.13
C ALA A 222 -20.01 15.06 -10.38
N LYS A 223 -21.03 15.89 -10.26
CA LYS A 223 -21.52 16.61 -11.42
C LYS A 223 -20.97 18.05 -11.33
N ASN A 224 -20.39 18.56 -12.42
CA ASN A 224 -19.90 19.92 -12.40
C ASN A 224 -19.13 20.26 -11.13
N GLY A 225 -18.45 19.26 -10.56
CA GLY A 225 -17.61 19.47 -9.39
C GLY A 225 -18.27 19.31 -8.05
N ALA A 226 -19.56 19.11 -8.06
CA ALA A 226 -20.30 18.98 -6.82
C ALA A 226 -20.70 17.55 -6.57
N LEU A 227 -20.39 17.05 -5.39
CA LEU A 227 -20.74 15.69 -5.04
C LEU A 227 -22.26 15.53 -5.14
N THR A 228 -22.70 14.39 -5.64
CA THR A 228 -24.12 14.16 -5.75
C THR A 228 -24.71 13.92 -4.37
N SER A 229 -23.84 13.69 -3.39
CA SER A 229 -24.26 13.52 -2.02
C SER A 229 -23.12 13.82 -1.07
N PRO A 230 -23.25 14.86 -0.23
CA PRO A 230 -22.22 15.25 0.74
C PRO A 230 -21.68 14.01 1.34
N LEU A 231 -20.45 14.03 1.84
CA LEU A 231 -19.86 12.81 2.41
C LEU A 231 -19.39 13.16 3.81
N GLU A 232 -19.68 12.32 4.79
CA GLU A 232 -19.25 12.62 6.13
C GLU A 232 -18.06 11.71 6.41
N LEU A 233 -16.92 12.36 6.65
CA LEU A 233 -15.62 11.74 6.88
C LEU A 233 -15.19 12.28 8.22
N LYS A 234 -14.07 11.80 8.76
CA LYS A 234 -13.59 12.25 10.04
C LYS A 234 -12.38 13.05 9.78
N ASN A 235 -12.09 14.02 10.62
CA ASN A 235 -10.87 14.74 10.36
C ASN A 235 -9.79 14.43 11.36
N ALA A 236 -8.67 15.12 11.25
CA ALA A 236 -7.52 14.85 12.08
C ALA A 236 -7.88 14.57 13.52
N ASN A 237 -8.36 15.60 14.19
CA ASN A 237 -8.75 15.55 15.61
C ASN A 237 -10.02 14.76 15.94
N GLY A 238 -10.53 13.96 15.01
CA GLY A 238 -11.69 13.15 15.33
C GLY A 238 -13.09 13.58 14.96
N SER A 239 -13.29 14.88 14.74
CA SER A 239 -14.61 15.45 14.41
C SER A 239 -15.15 15.16 13.01
N LYS A 240 -16.46 15.24 12.83
CA LYS A 240 -17.08 14.97 11.54
C LYS A 240 -16.46 15.94 10.56
N TRP A 241 -16.47 15.61 9.28
CA TRP A 241 -15.91 16.49 8.23
C TRP A 241 -16.77 16.22 7.05
N ILE A 242 -17.57 17.20 6.62
CA ILE A 242 -18.47 17.01 5.48
C ILE A 242 -17.86 17.64 4.24
N VAL A 243 -17.66 16.83 3.21
CA VAL A 243 -17.12 17.32 1.94
C VAL A 243 -18.31 17.34 0.99
N LEU A 244 -18.53 18.48 0.35
CA LEU A 244 -19.64 18.71 -0.57
C LEU A 244 -19.16 18.84 -1.97
N ARG A 245 -17.85 19.01 -2.12
CA ARG A 245 -17.22 19.24 -3.40
C ARG A 245 -15.93 18.46 -3.59
N VAL A 246 -15.60 18.18 -4.83
CA VAL A 246 -14.39 17.42 -5.10
C VAL A 246 -13.21 18.23 -4.68
N ASP A 247 -13.24 19.56 -4.81
CA ASP A 247 -12.08 20.33 -4.39
C ASP A 247 -11.84 20.40 -2.91
N ASP A 248 -12.79 19.92 -2.12
CA ASP A 248 -12.61 19.89 -0.67
C ASP A 248 -11.72 18.69 -0.30
N ILE A 249 -11.83 17.61 -1.07
CA ILE A 249 -11.09 16.36 -0.81
C ILE A 249 -9.90 16.16 -1.73
N GLU A 250 -9.98 16.73 -2.92
CA GLU A 250 -8.95 16.64 -3.93
C GLU A 250 -7.48 16.71 -3.42
N PRO A 251 -7.14 17.66 -2.54
CA PRO A 251 -5.73 17.67 -2.11
C PRO A 251 -5.17 16.48 -1.33
N ASP A 252 -6.07 15.65 -0.81
CA ASP A 252 -5.73 14.49 0.01
C ASP A 252 -5.59 13.16 -0.74
N VAL A 253 -6.18 13.08 -1.94
CA VAL A 253 -6.21 11.85 -2.72
C VAL A 253 -5.15 11.82 -3.80
N GLY A 254 -4.43 10.70 -3.91
CA GLY A 254 -3.41 10.59 -4.94
C GLY A 254 -3.80 9.71 -6.12
N LEU A 255 -4.63 8.70 -5.86
CA LEU A 255 -5.06 7.72 -6.86
C LEU A 255 -6.45 7.21 -6.52
N LEU A 256 -7.34 7.31 -7.48
CA LEU A 256 -8.71 6.90 -7.33
C LEU A 256 -8.83 5.43 -7.67
N LYS A 257 -9.65 4.72 -6.91
CA LYS A 257 -9.91 3.30 -7.12
C LYS A 257 -10.50 3.24 -8.49
N TYR A 258 -10.54 2.08 -9.10
CA TYR A 258 -11.12 1.99 -10.41
C TYR A 258 -12.63 1.81 -10.37
N VAL A 259 -13.30 2.72 -11.04
CA VAL A 259 -14.73 2.70 -11.18
C VAL A 259 -14.92 2.88 -12.68
N ASN A 260 -15.58 1.95 -13.32
CA ASN A 260 -15.78 2.01 -14.76
C ASN A 260 -16.80 3.02 -15.10
N GLY A 261 -16.57 3.76 -16.17
CA GLY A 261 -17.52 4.78 -16.55
C GLY A 261 -16.78 6.08 -16.79
N THR A 262 -17.47 7.06 -17.37
CA THR A 262 -16.90 8.36 -17.70
C THR A 262 -17.13 9.32 -16.54
N CYS A 263 -16.18 10.21 -16.32
CA CYS A 263 -16.28 11.22 -15.27
C CYS A 263 -15.73 12.49 -15.88
N GLN A 264 -15.83 13.60 -15.17
CA GLN A 264 -15.36 14.89 -15.68
C GLN A 264 -13.84 14.83 -15.59
N ALA A 265 -13.21 14.70 -16.73
CA ALA A 265 -11.76 14.60 -16.75
C ALA A 265 -11.01 15.67 -15.97
N THR A 266 -11.60 16.86 -15.82
CA THR A 266 -10.89 17.95 -15.16
C THR A 266 -11.78 19.00 -14.49
#